data_2MXJ
#
_entry.id   2MXJ
#
_entity_poly.entity_id   1
_entity_poly.type   'polyribonucleotide'
_entity_poly.pdbx_seq_one_letter_code
;CCAGAAACGGA
;
_entity_poly.pdbx_strand_id   A
#
loop_
_chem_comp.id
_chem_comp.type
_chem_comp.name
_chem_comp.formula
A RNA linking ADENOSINE-5'-MONOPHOSPHATE 'C10 H14 N5 O7 P'
C RNA linking CYTIDINE-5'-MONOPHOSPHATE 'C9 H14 N3 O8 P'
G RNA linking GUANOSINE-5'-MONOPHOSPHATE 'C10 H14 N5 O8 P'
#